data_2Q16
#
_entry.id   2Q16
#
_cell.length_a   120.646
_cell.length_b   120.646
_cell.length_c   66.562
_cell.angle_alpha   90.00
_cell.angle_beta   90.00
_cell.angle_gamma   90.00
#
_symmetry.space_group_name_H-M   'P 4 21 2'
#
loop_
_entity.id
_entity.type
_entity.pdbx_description
1 polymer 'HAM1 protein homolog'
2 non-polymer 'CALCIUM ION'
3 non-polymer 'SODIUM ION'
4 non-polymer 'SULFATE ION'
5 non-polymer "INOSINE 5'-TRIPHOSPHATE"
6 water water
#
_entity_poly.entity_id   1
_entity_poly.type   'polypeptide(L)'
_entity_poly.pdbx_seq_one_letter_code
;(MSE)GSSHHHHHHSSGLVPRGSH(MSE)QKVVLATGNVGKVRELASLLSDFGLDIVAQTDLGVDSAEETGLTFIENAIL
KARHAAKVTALPAIADASGLAVDVLGGAPGIYSARYSGEDATDQKNLQKLLET(MSE)KDVPDDQRQARFHCVLVYLRHA
EDPTPLVCHGSWPGVITREPAGTGGFGYDPIFFVPSEGKTAAELTREEKSAISHRGQALKLLLDALRNGGS
;
_entity_poly.pdbx_strand_id   A,B
#
loop_
_chem_comp.id
_chem_comp.type
_chem_comp.name
_chem_comp.formula
CA non-polymer 'CALCIUM ION' 'Ca 2'
ITT non-polymer 'INOSINE 5'-TRIPHOSPHATE' 'C10 H15 N4 O14 P3'
NA non-polymer 'SODIUM ION' 'Na 1'
SO4 non-polymer 'SULFATE ION' 'O4 S -2'
#
# COMPACT_ATOMS: atom_id res chain seq x y z
N MSE A 21 19.14 19.90 9.56
CA MSE A 21 18.24 20.90 8.91
C MSE A 21 16.82 20.37 8.82
O MSE A 21 16.03 20.58 9.76
CB MSE A 21 18.77 21.29 7.53
N GLN A 22 16.49 19.67 7.73
CA GLN A 22 15.13 19.18 7.42
C GLN A 22 14.66 18.03 8.33
N LYS A 23 13.58 18.25 9.08
CA LYS A 23 13.07 17.24 10.01
C LYS A 23 12.07 16.30 9.33
N VAL A 24 11.97 15.06 9.85
CA VAL A 24 10.88 14.14 9.46
C VAL A 24 10.10 13.84 10.74
N VAL A 25 8.79 14.03 10.70
CA VAL A 25 7.93 13.71 11.84
C VAL A 25 7.64 12.18 11.90
N LEU A 26 7.88 11.59 13.07
CA LEU A 26 7.49 10.23 13.33
C LEU A 26 6.08 10.27 13.91
N ALA A 27 5.11 9.84 13.09
CA ALA A 27 3.69 10.04 13.33
C ALA A 27 3.08 8.93 14.20
N THR A 28 3.64 8.76 15.40
CA THR A 28 3.15 7.77 16.34
C THR A 28 3.18 8.37 17.72
N GLY A 29 2.30 7.90 18.61
CA GLY A 29 2.37 8.34 20.01
C GLY A 29 2.78 7.14 20.84
N ASN A 30 3.19 6.05 20.17
CA ASN A 30 3.57 4.81 20.86
C ASN A 30 5.09 4.78 21.16
N VAL A 31 5.48 4.96 22.43
CA VAL A 31 6.89 5.00 22.77
C VAL A 31 7.61 3.70 22.44
N GLY A 32 6.90 2.59 22.53
CA GLY A 32 7.47 1.31 22.16
C GLY A 32 7.85 1.23 20.69
N LYS A 33 7.00 1.77 19.81
CA LYS A 33 7.34 1.90 18.39
C LYS A 33 8.52 2.89 18.18
N VAL A 34 8.49 4.04 18.86
CA VAL A 34 9.58 5.02 18.68
C VAL A 34 10.94 4.37 18.97
N ARG A 35 10.98 3.56 20.03
CA ARG A 35 12.22 2.90 20.44
C ARG A 35 12.73 1.94 19.39
N GLU A 36 11.81 1.36 18.65
CA GLU A 36 12.14 0.42 17.61
C GLU A 36 12.40 1.03 16.21
N LEU A 37 12.08 2.31 16.03
CA LEU A 37 12.21 2.97 14.70
C LEU A 37 13.27 4.06 14.68
N ALA A 38 13.37 4.83 15.76
CA ALA A 38 14.11 6.12 15.67
C ALA A 38 15.59 5.96 15.37
N SER A 39 16.22 4.99 16.00
CA SER A 39 17.67 4.86 15.87
C SER A 39 18.14 4.49 14.45
N LEU A 40 17.46 3.55 13.77
CA LEU A 40 17.83 3.24 12.38
C LEU A 40 17.46 4.38 11.41
N LEU A 41 16.33 5.04 11.64
CA LEU A 41 16.03 6.24 10.83
C LEU A 41 17.12 7.32 11.02
N SER A 42 17.61 7.47 12.25
CA SER A 42 18.70 8.42 12.50
C SER A 42 20.01 7.98 11.83
N ASP A 43 20.30 6.68 11.89
CA ASP A 43 21.52 6.15 11.23
C ASP A 43 21.52 6.35 9.72
N PHE A 44 20.33 6.25 9.13
CA PHE A 44 20.10 6.51 7.71
C PHE A 44 20.37 7.96 7.32
N GLY A 45 20.22 8.87 8.29
CA GLY A 45 20.51 10.29 8.08
C GLY A 45 19.28 11.18 8.19
N LEU A 46 18.20 10.67 8.77
CA LEU A 46 17.00 11.50 8.96
C LEU A 46 17.08 12.20 10.32
N ASP A 47 16.58 13.43 10.36
CA ASP A 47 16.43 14.16 11.63
C ASP A 47 14.98 13.97 12.09
N ILE A 48 14.78 13.03 13.01
CA ILE A 48 13.44 12.57 13.39
C ILE A 48 12.90 13.33 14.58
N VAL A 49 11.64 13.77 14.49
CA VAL A 49 10.96 14.38 15.64
C VAL A 49 9.63 13.66 15.91
N ALA A 50 9.46 13.19 17.14
CA ALA A 50 8.21 12.55 17.56
C ALA A 50 7.06 13.56 17.43
N GLN A 51 5.94 13.12 16.87
CA GLN A 51 4.83 14.05 16.62
C GLN A 51 4.34 14.80 17.89
N THR A 52 4.44 14.18 19.08
CA THR A 52 4.01 14.86 20.32
C THR A 52 4.83 16.12 20.58
N ASP A 53 6.12 16.09 20.23
CA ASP A 53 7.04 17.21 20.45
C ASP A 53 6.60 18.40 19.62
N LEU A 54 5.86 18.12 18.55
CA LEU A 54 5.33 19.17 17.67
C LEU A 54 3.86 19.44 18.00
N GLY A 55 3.37 18.83 19.08
CA GLY A 55 2.01 19.08 19.55
C GLY A 55 0.93 18.37 18.73
N VAL A 56 1.30 17.35 17.98
CA VAL A 56 0.35 16.62 17.11
C VAL A 56 -0.45 15.63 17.92
N ASP A 57 -1.76 15.76 17.80
CA ASP A 57 -2.71 14.90 18.45
C ASP A 57 -2.90 13.61 17.62
N SER A 58 -3.43 12.57 18.24
CA SER A 58 -3.63 11.31 17.51
C SER A 58 -4.71 11.45 16.45
N ALA A 59 -4.39 10.99 15.23
CA ALA A 59 -5.36 11.05 14.11
C ALA A 59 -6.51 10.07 14.38
N GLU A 60 -7.66 10.30 13.76
CA GLU A 60 -8.75 9.34 13.88
C GLU A 60 -8.47 8.16 12.93
N GLU A 61 -8.25 6.97 13.50
CA GLU A 61 -8.02 5.77 12.69
C GLU A 61 -9.32 5.13 12.22
N THR A 62 -9.80 5.55 11.06
CA THR A 62 -11.09 5.13 10.55
C THR A 62 -10.94 4.13 9.40
N GLY A 63 -9.70 3.68 9.20
CA GLY A 63 -9.38 2.81 8.09
C GLY A 63 -9.69 1.38 8.44
N LEU A 64 -9.90 0.57 7.41
CA LEU A 64 -10.25 -0.80 7.60
C LEU A 64 -9.04 -1.73 7.41
N THR A 65 -7.90 -1.13 7.08
CA THR A 65 -6.69 -1.91 6.80
C THR A 65 -5.53 -1.25 7.51
N PHE A 66 -4.49 -2.01 7.80
CA PHE A 66 -3.29 -1.38 8.35
C PHE A 66 -2.79 -0.32 7.36
N ILE A 67 -2.79 -0.66 6.07
CA ILE A 67 -2.21 0.27 5.08
C ILE A 67 -2.98 1.61 5.10
N GLU A 68 -4.32 1.57 5.08
CA GLU A 68 -5.06 2.82 5.08
C GLU A 68 -4.82 3.59 6.37
N ASN A 69 -4.80 2.91 7.51
CA ASN A 69 -4.54 3.62 8.77
C ASN A 69 -3.14 4.23 8.89
N ALA A 70 -2.12 3.52 8.41
CA ALA A 70 -0.75 4.09 8.32
C ALA A 70 -0.72 5.35 7.44
N ILE A 71 -1.38 5.29 6.29
CA ILE A 71 -1.43 6.50 5.42
C ILE A 71 -2.16 7.67 6.11
N LEU A 72 -3.30 7.40 6.74
CA LEU A 72 -4.04 8.46 7.43
C LEU A 72 -3.22 9.10 8.55
N LYS A 73 -2.53 8.28 9.34
CA LYS A 73 -1.68 8.83 10.41
C LYS A 73 -0.51 9.63 9.85
N ALA A 74 0.18 9.09 8.85
CA ALA A 74 1.23 9.90 8.20
C ALA A 74 0.71 11.22 7.66
N ARG A 75 -0.45 11.17 7.01
CA ARG A 75 -1.02 12.37 6.38
C ARG A 75 -1.43 13.42 7.41
N HIS A 76 -2.08 13.00 8.51
CA HIS A 76 -2.44 13.94 9.58
C HIS A 76 -1.24 14.71 10.12
N ALA A 77 -0.18 13.99 10.50
CA ALA A 77 1.08 14.60 10.93
C ALA A 77 1.68 15.52 9.88
N ALA A 78 1.74 15.05 8.63
CA ALA A 78 2.30 15.87 7.55
C ALA A 78 1.53 17.17 7.33
N LYS A 79 0.21 17.07 7.48
CA LYS A 79 -0.67 18.23 7.28
C LYS A 79 -0.46 19.26 8.40
N VAL A 80 -0.37 18.77 9.65
CA VAL A 80 -0.31 19.62 10.86
C VAL A 80 1.06 20.29 10.96
N THR A 81 2.09 19.59 10.53
CA THR A 81 3.48 20.03 10.72
C THR A 81 4.18 20.56 9.49
N ALA A 82 3.62 20.31 8.31
CA ALA A 82 4.29 20.64 7.03
C ALA A 82 5.66 19.93 6.82
N LEU A 83 5.90 18.84 7.55
CA LEU A 83 7.12 18.05 7.37
C LEU A 83 6.77 16.71 6.71
N PRO A 84 7.76 16.05 6.03
CA PRO A 84 7.56 14.63 5.65
C PRO A 84 7.23 13.83 6.89
N ALA A 85 6.53 12.71 6.75
CA ALA A 85 6.03 11.98 7.90
C ALA A 85 6.19 10.49 7.66
N ILE A 86 6.52 9.76 8.73
CA ILE A 86 6.51 8.31 8.73
C ILE A 86 5.52 7.84 9.79
N ALA A 87 4.67 6.87 9.43
CA ALA A 87 3.72 6.27 10.38
C ALA A 87 3.82 4.76 10.34
N ASP A 88 3.37 4.13 11.43
CA ASP A 88 3.35 2.69 11.55
C ASP A 88 1.95 2.29 11.98
N ALA A 89 1.32 1.38 11.23
CA ALA A 89 0.08 0.76 11.68
C ALA A 89 0.40 -0.72 11.82
N SER A 90 0.10 -1.26 12.99
CA SER A 90 0.49 -2.63 13.22
C SER A 90 -0.51 -3.31 14.13
N GLY A 91 -0.44 -4.65 14.20
CA GLY A 91 -1.28 -5.35 15.14
C GLY A 91 -1.03 -6.84 15.16
N LEU A 92 -1.74 -7.52 16.05
CA LEU A 92 -1.64 -8.98 16.20
C LEU A 92 -2.88 -9.66 15.63
N ALA A 93 -2.70 -10.61 14.71
CA ALA A 93 -3.82 -11.34 14.13
C ALA A 93 -3.74 -12.82 14.61
N VAL A 94 -4.75 -13.27 15.35
CA VAL A 94 -4.79 -14.62 15.92
C VAL A 94 -5.69 -15.49 15.03
N ASP A 95 -5.17 -16.62 14.54
CA ASP A 95 -5.91 -17.47 13.57
C ASP A 95 -7.28 -17.96 14.06
N VAL A 96 -7.30 -18.54 15.26
CA VAL A 96 -8.53 -19.11 15.83
C VAL A 96 -9.61 -18.03 16.07
N LEU A 97 -9.18 -16.77 16.14
CA LEU A 97 -10.08 -15.63 16.35
C LEU A 97 -10.42 -14.95 15.04
N GLY A 98 -10.10 -15.60 13.93
CA GLY A 98 -10.41 -15.08 12.60
C GLY A 98 -9.60 -13.84 12.29
N GLY A 99 -8.47 -13.68 12.99
CA GLY A 99 -7.60 -12.53 12.72
C GLY A 99 -7.68 -11.37 13.71
N ALA A 100 -8.57 -11.47 14.69
CA ALA A 100 -8.64 -10.54 15.78
C ALA A 100 -7.43 -10.70 16.70
N PRO A 101 -7.08 -9.64 17.46
CA PRO A 101 -7.66 -8.28 17.44
C PRO A 101 -7.37 -7.50 16.15
N GLY A 102 -6.28 -7.81 15.44
CA GLY A 102 -6.09 -7.23 14.11
C GLY A 102 -5.90 -5.72 14.11
N ILE A 103 -6.67 -4.99 13.27
CA ILE A 103 -6.50 -3.54 13.20
C ILE A 103 -7.07 -2.90 14.48
N TYR A 104 -7.77 -3.69 15.29
CA TYR A 104 -8.28 -3.24 16.60
C TYR A 104 -7.38 -3.64 17.79
N SER A 105 -6.12 -3.92 17.52
CA SER A 105 -5.18 -4.44 18.51
C SER A 105 -5.00 -3.46 19.70
N ALA A 106 -4.88 -2.17 19.41
CA ALA A 106 -4.61 -1.16 20.45
C ALA A 106 -5.77 -1.00 21.42
N ARG A 107 -7.01 -1.14 20.92
CA ARG A 107 -8.19 -0.94 21.74
C ARG A 107 -8.91 -2.24 22.08
N TYR A 108 -8.20 -3.36 22.03
CA TYR A 108 -8.79 -4.68 22.23
C TYR A 108 -9.63 -4.78 23.53
N SER A 109 -9.08 -4.30 24.65
CA SER A 109 -9.79 -4.35 25.95
C SER A 109 -10.58 -3.07 26.25
N GLY A 110 -10.73 -2.23 25.23
CA GLY A 110 -11.69 -1.15 25.25
C GLY A 110 -11.09 0.23 25.44
N GLU A 111 -11.90 1.10 26.04
CA GLU A 111 -11.56 2.51 26.19
C GLU A 111 -10.48 2.79 27.26
N ASP A 112 -10.33 1.87 28.19
CA ASP A 112 -9.29 1.93 29.24
C ASP A 112 -8.00 1.15 28.90
N ALA A 113 -7.87 0.69 27.65
CA ALA A 113 -6.82 -0.29 27.29
C ALA A 113 -5.40 0.13 27.61
N THR A 114 -4.61 -0.81 28.14
CA THR A 114 -3.17 -0.68 28.33
C THR A 114 -2.61 -1.97 27.73
N ASP A 115 -1.30 -2.05 27.57
CA ASP A 115 -0.68 -3.25 26.99
C ASP A 115 -1.02 -4.48 27.82
N GLN A 116 -0.91 -4.36 29.14
CA GLN A 116 -1.19 -5.47 30.05
C GLN A 116 -2.66 -5.88 30.03
N LYS A 117 -3.58 -4.91 30.01
CA LYS A 117 -5.03 -5.23 29.95
C LYS A 117 -5.39 -5.93 28.65
N ASN A 118 -4.82 -5.46 27.53
CA ASN A 118 -5.00 -6.07 26.23
C ASN A 118 -4.46 -7.50 26.19
N LEU A 119 -3.23 -7.72 26.66
CA LEU A 119 -2.73 -9.10 26.59
C LEU A 119 -3.44 -10.05 27.57
N GLN A 120 -3.85 -9.55 28.73
CA GLN A 120 -4.60 -10.38 29.69
C GLN A 120 -5.96 -10.77 29.11
N LYS A 121 -6.58 -9.83 28.42
CA LYS A 121 -7.89 -10.11 27.81
C LYS A 121 -7.69 -11.23 26.80
N LEU A 122 -6.58 -11.17 26.08
CA LEU A 122 -6.38 -12.17 25.07
C LEU A 122 -6.01 -13.61 25.46
N LEU A 123 -5.03 -13.89 26.33
CA LEU A 123 -5.14 -14.76 27.50
C LEU A 123 -6.48 -15.36 27.90
N GLU A 124 -7.33 -14.53 28.47
CA GLU A 124 -8.63 -15.01 28.99
C GLU A 124 -9.47 -15.53 27.83
N THR A 125 -9.49 -14.78 26.73
CA THR A 125 -10.22 -15.17 25.53
C THR A 125 -9.78 -16.54 25.00
N MSE A 126 -8.48 -16.82 25.06
CA MSE A 126 -7.91 -18.02 24.46
C MSE A 126 -7.69 -19.20 25.41
O MSE A 126 -7.04 -20.17 25.05
CB MSE A 126 -6.62 -17.62 23.73
CG MSE A 126 -6.87 -16.76 22.47
SE MSE A 126 -5.14 -16.34 21.74
CE MSE A 126 -4.87 -18.11 20.85
N LYS A 127 -8.26 -19.08 26.61
CA LYS A 127 -8.12 -20.03 27.74
C LYS A 127 -8.36 -21.48 27.35
N ASP A 128 -9.37 -21.72 26.52
CA ASP A 128 -9.77 -23.08 26.15
C ASP A 128 -9.37 -23.46 24.71
N VAL A 129 -8.47 -22.67 24.13
CA VAL A 129 -7.96 -22.96 22.80
C VAL A 129 -6.81 -23.97 22.91
N PRO A 130 -6.94 -25.16 22.26
CA PRO A 130 -5.87 -26.16 22.29
C PRO A 130 -4.52 -25.67 21.75
N ASP A 131 -3.46 -26.34 22.19
CA ASP A 131 -2.09 -25.89 21.97
C ASP A 131 -1.70 -25.82 20.50
N ASP A 132 -2.33 -26.66 19.68
CA ASP A 132 -2.05 -26.67 18.24
C ASP A 132 -2.93 -25.71 17.43
N GLN A 133 -3.70 -24.88 18.13
CA GLN A 133 -4.59 -23.89 17.49
C GLN A 133 -4.27 -22.45 17.91
N ARG A 134 -3.08 -22.23 18.47
CA ARG A 134 -2.74 -20.90 19.01
C ARG A 134 -1.87 -20.03 18.08
N GLN A 135 -1.86 -20.36 16.79
CA GLN A 135 -1.04 -19.63 15.80
C GLN A 135 -1.49 -18.16 15.62
N ALA A 136 -0.51 -17.31 15.38
CA ALA A 136 -0.75 -15.87 15.23
C ALA A 136 0.35 -15.21 14.43
N ARG A 137 0.10 -13.97 14.03
CA ARG A 137 1.08 -13.26 13.23
C ARG A 137 0.99 -11.76 13.53
N PHE A 138 2.12 -11.13 13.81
CA PHE A 138 2.16 -9.67 13.86
C PHE A 138 2.27 -9.15 12.42
N HIS A 139 1.61 -8.01 12.17
CA HIS A 139 1.69 -7.28 10.90
C HIS A 139 2.17 -5.86 11.17
N CYS A 140 3.02 -5.34 10.27
CA CYS A 140 3.42 -3.94 10.33
C CYS A 140 3.35 -3.31 8.94
N VAL A 141 2.71 -2.14 8.82
CA VAL A 141 2.84 -1.35 7.59
C VAL A 141 3.51 -0.04 7.99
N LEU A 142 4.60 0.32 7.30
CA LEU A 142 5.20 1.66 7.48
C LEU A 142 5.01 2.45 6.21
N VAL A 143 4.75 3.73 6.37
CA VAL A 143 4.50 4.60 5.26
C VAL A 143 5.39 5.83 5.40
N TYR A 144 5.90 6.33 4.27
CA TYR A 144 6.57 7.63 4.24
C TYR A 144 5.83 8.52 3.27
N LEU A 145 5.46 9.71 3.74
CA LEU A 145 4.80 10.72 2.90
C LEU A 145 5.68 11.97 2.87
N ARG A 146 6.02 12.43 1.67
CA ARG A 146 6.78 13.69 1.48
C ARG A 146 5.97 14.93 1.88
N HIS A 147 4.68 14.89 1.55
CA HIS A 147 3.73 15.97 1.83
CA HIS A 147 3.75 15.93 1.97
C HIS A 147 2.39 15.27 2.13
N ALA A 148 1.46 15.96 2.79
CA ALA A 148 0.15 15.38 3.08
C ALA A 148 -0.49 14.73 1.85
N GLU A 149 -0.42 15.40 0.71
CA GLU A 149 -1.05 14.90 -0.53
C GLU A 149 -0.15 14.20 -1.55
N ASP A 150 0.99 13.69 -1.08
CA ASP A 150 1.88 12.82 -1.87
C ASP A 150 1.08 11.66 -2.49
N PRO A 151 1.02 11.58 -3.85
CA PRO A 151 0.17 10.56 -4.50
C PRO A 151 0.79 9.16 -4.52
N THR A 152 2.08 9.08 -4.20
CA THR A 152 2.86 7.85 -4.28
C THR A 152 3.71 7.69 -3.01
N PRO A 153 3.04 7.59 -1.85
CA PRO A 153 3.82 7.38 -0.64
C PRO A 153 4.62 6.09 -0.73
N LEU A 154 5.71 5.99 0.03
CA LEU A 154 6.45 4.74 0.13
C LEU A 154 5.71 3.90 1.14
N VAL A 155 5.37 2.65 0.78
CA VAL A 155 4.55 1.82 1.68
C VAL A 155 5.24 0.47 1.82
N CYS A 156 5.68 0.11 3.02
CA CYS A 156 6.39 -1.16 3.16
C CYS A 156 5.76 -1.97 4.29
N HIS A 157 5.82 -3.28 4.18
CA HIS A 157 5.15 -4.11 5.17
C HIS A 157 6.01 -5.29 5.57
N GLY A 158 5.70 -5.86 6.72
CA GLY A 158 6.44 -7.00 7.26
C GLY A 158 5.44 -7.80 8.08
N SER A 159 5.60 -9.12 8.13
CA SER A 159 4.80 -9.90 9.08
C SER A 159 5.69 -10.94 9.76
N TRP A 160 5.22 -11.50 10.86
CA TRP A 160 6.06 -12.28 11.75
C TRP A 160 5.16 -13.28 12.45
N PRO A 161 5.24 -14.57 12.09
CA PRO A 161 4.43 -15.61 12.72
C PRO A 161 4.99 -16.15 14.05
N GLY A 162 4.08 -16.60 14.90
CA GLY A 162 4.44 -17.10 16.22
C GLY A 162 3.24 -17.84 16.78
N VAL A 163 3.26 -18.03 18.09
CA VAL A 163 2.24 -18.83 18.76
C VAL A 163 1.87 -18.07 20.04
N ILE A 164 0.59 -18.00 20.38
CA ILE A 164 0.22 -17.34 21.65
C ILE A 164 0.46 -18.28 22.85
N THR A 165 1.19 -17.78 23.84
CA THR A 165 1.48 -18.52 25.06
C THR A 165 0.23 -18.56 25.94
N ARG A 166 0.34 -19.31 27.05
CA ARG A 166 -0.73 -19.34 28.04
C ARG A 166 -0.49 -18.39 29.20
N GLU A 167 0.77 -17.97 29.36
CA GLU A 167 1.20 -17.07 30.44
C GLU A 167 2.22 -16.11 29.87
N PRO A 168 2.26 -14.86 30.39
CA PRO A 168 3.30 -13.95 29.90
C PRO A 168 4.70 -14.38 30.32
N ALA A 169 5.68 -14.07 29.47
CA ALA A 169 7.05 -14.38 29.78
C ALA A 169 7.92 -13.30 29.15
N GLY A 170 8.87 -12.77 29.92
CA GLY A 170 9.76 -11.73 29.40
C GLY A 170 9.26 -10.32 29.69
N THR A 171 10.18 -9.37 29.75
CA THR A 171 9.84 -7.99 30.08
C THR A 171 10.23 -7.00 29.00
N GLY A 172 10.86 -7.46 27.92
CA GLY A 172 11.28 -6.55 26.86
C GLY A 172 10.14 -6.18 25.92
N GLY A 173 10.39 -5.22 25.03
CA GLY A 173 9.40 -4.83 24.02
C GLY A 173 8.17 -4.15 24.60
N PHE A 174 7.04 -4.38 23.98
CA PHE A 174 5.80 -3.71 24.38
C PHE A 174 4.62 -4.49 23.87
N GLY A 175 3.42 -4.00 24.19
CA GLY A 175 2.21 -4.58 23.62
C GLY A 175 2.10 -6.06 23.99
N TYR A 176 1.81 -6.89 23.00
CA TYR A 176 1.53 -8.31 23.21
C TYR A 176 2.79 -9.17 23.25
N ASP A 177 3.98 -8.53 23.27
CA ASP A 177 5.27 -9.27 23.18
C ASP A 177 5.39 -10.40 24.23
N PRO A 178 4.97 -10.14 25.49
CA PRO A 178 5.12 -11.22 26.50
C PRO A 178 4.35 -12.50 26.24
N ILE A 179 3.36 -12.45 25.37
CA ILE A 179 2.57 -13.65 25.07
C ILE A 179 2.71 -14.15 23.64
N PHE A 180 3.73 -13.64 22.95
CA PHE A 180 3.97 -14.04 21.55
C PHE A 180 5.22 -14.89 21.49
N PHE A 181 5.05 -16.22 21.43
CA PHE A 181 6.17 -17.14 21.36
C PHE A 181 6.64 -17.24 19.90
N VAL A 182 7.97 -17.21 19.75
CA VAL A 182 8.58 -17.22 18.44
C VAL A 182 9.32 -18.54 18.32
N PRO A 183 8.72 -19.52 17.61
CA PRO A 183 9.31 -20.86 17.49
C PRO A 183 10.77 -20.88 17.03
N SER A 184 11.16 -19.97 16.15
CA SER A 184 12.54 -19.95 15.64
C SER A 184 13.55 -19.59 16.74
N GLU A 185 13.08 -18.88 17.75
CA GLU A 185 13.95 -18.43 18.82
C GLU A 185 13.79 -19.25 20.11
N GLY A 186 12.70 -20.02 20.21
CA GLY A 186 12.41 -20.81 21.42
C GLY A 186 12.11 -19.92 22.65
N LYS A 187 11.66 -18.70 22.40
CA LYS A 187 11.23 -17.76 23.47
C LYS A 187 10.26 -16.72 22.92
N THR A 188 9.64 -15.95 23.83
CA THR A 188 8.65 -14.96 23.44
C THR A 188 9.36 -13.71 22.93
N ALA A 189 8.59 -12.88 22.22
CA ALA A 189 9.10 -11.59 21.74
C ALA A 189 9.65 -10.71 22.86
N ALA A 190 9.04 -10.77 24.05
CA ALA A 190 9.54 -10.02 25.23
C ALA A 190 10.84 -10.58 25.82
N GLU A 191 11.14 -11.84 25.52
CA GLU A 191 12.37 -12.48 26.05
C GLU A 191 13.56 -12.21 25.16
N LEU A 192 13.30 -11.65 23.98
CA LEU A 192 14.34 -11.25 23.05
C LEU A 192 15.01 -9.96 23.49
N THR A 193 16.30 -9.83 23.20
CA THR A 193 16.96 -8.50 23.32
C THR A 193 16.35 -7.55 22.27
N ARG A 194 16.58 -6.26 22.46
CA ARG A 194 16.12 -5.27 21.49
C ARG A 194 16.73 -5.61 20.14
N GLU A 195 18.02 -5.97 20.13
CA GLU A 195 18.72 -6.29 18.89
C GLU A 195 18.15 -7.53 18.22
N GLU A 196 17.86 -8.58 18.99
CA GLU A 196 17.29 -9.82 18.41
C GLU A 196 15.91 -9.57 17.81
N LYS A 197 15.10 -8.76 18.49
CA LYS A 197 13.76 -8.48 18.03
C LYS A 197 13.83 -7.68 16.71
N SER A 198 14.68 -6.66 16.67
CA SER A 198 14.79 -5.81 15.48
C SER A 198 15.26 -6.58 14.25
N ALA A 199 15.97 -7.69 14.48
CA ALA A 199 16.52 -8.46 13.38
C ALA A 199 15.45 -9.25 12.65
N ILE A 200 14.37 -9.60 13.35
CA ILE A 200 13.43 -10.57 12.78
C ILE A 200 11.97 -10.13 12.79
N SER A 201 11.64 -9.07 13.53
CA SER A 201 10.22 -8.73 13.74
C SER A 201 9.55 -8.21 12.47
N HIS A 202 8.22 -8.19 12.49
CA HIS A 202 7.40 -7.54 11.47
C HIS A 202 7.89 -6.11 11.21
N ARG A 203 8.23 -5.40 12.28
CA ARG A 203 8.68 -4.00 12.18
C ARG A 203 10.13 -3.83 11.64
N GLY A 204 11.05 -4.67 12.09
CA GLY A 204 12.43 -4.68 11.55
C GLY A 204 12.42 -4.95 10.07
N GLN A 205 11.62 -5.92 9.63
CA GLN A 205 11.53 -6.24 8.22
C GLN A 205 11.00 -5.05 7.44
N ALA A 206 9.88 -4.49 7.92
CA ALA A 206 9.27 -3.35 7.20
C ALA A 206 10.20 -2.14 7.18
N LEU A 207 10.90 -1.89 8.29
CA LEU A 207 11.74 -0.70 8.41
C LEU A 207 12.95 -0.74 7.43
N LYS A 208 13.56 -1.91 7.29
CA LYS A 208 14.68 -2.06 6.35
C LYS A 208 14.22 -1.91 4.92
N LEU A 209 13.03 -2.41 4.63
CA LEU A 209 12.44 -2.17 3.32
C LEU A 209 12.18 -0.69 3.09
N LEU A 210 11.66 -0.01 4.12
CA LEU A 210 11.42 1.43 4.00
C LEU A 210 12.72 2.20 3.79
N LEU A 211 13.76 1.88 4.54
CA LEU A 211 15.07 2.51 4.35
C LEU A 211 15.59 2.27 2.92
N ASP A 212 15.45 1.05 2.42
CA ASP A 212 15.84 0.76 1.03
C ASP A 212 15.04 1.63 0.03
N ALA A 213 13.73 1.73 0.25
CA ALA A 213 12.86 2.53 -0.63
C ALA A 213 13.24 4.03 -0.57
N LEU A 214 13.55 4.50 0.64
CA LEU A 214 13.95 5.89 0.83
C LEU A 214 15.23 6.23 0.09
N ARG A 215 16.23 5.36 0.19
CA ARG A 215 17.53 5.57 -0.48
C ARG A 215 17.38 5.56 -2.01
N ASN A 216 16.52 4.68 -2.50
CA ASN A 216 16.41 4.47 -3.93
C ASN A 216 15.32 5.34 -4.55
N GLY A 217 14.77 6.22 -3.74
CA GLY A 217 13.64 7.04 -4.11
C GLY A 217 14.01 8.28 -4.90
N LYS B 23 -13.70 -17.67 -8.02
CA LYS B 23 -14.33 -16.51 -8.73
C LYS B 23 -13.82 -15.19 -8.17
N VAL B 24 -13.40 -14.28 -9.05
CA VAL B 24 -12.85 -12.97 -8.66
C VAL B 24 -13.43 -11.86 -9.55
N VAL B 25 -13.93 -10.80 -8.92
CA VAL B 25 -14.43 -9.65 -9.68
C VAL B 25 -13.33 -8.69 -10.13
N LEU B 26 -13.32 -8.38 -11.40
CA LEU B 26 -12.42 -7.35 -11.89
C LEU B 26 -13.04 -5.96 -11.78
N ALA B 27 -12.60 -5.22 -10.76
CA ALA B 27 -13.26 -3.99 -10.30
C ALA B 27 -12.80 -2.76 -11.10
N THR B 28 -13.04 -2.79 -12.41
CA THR B 28 -12.71 -1.68 -13.31
C THR B 28 -13.80 -1.56 -14.36
N GLY B 29 -14.01 -0.33 -14.83
CA GLY B 29 -14.90 -0.09 -15.98
C GLY B 29 -14.09 0.28 -17.19
N ASN B 30 -12.77 0.10 -17.11
CA ASN B 30 -11.88 0.50 -18.22
C ASN B 30 -11.57 -0.68 -19.11
N VAL B 31 -12.16 -0.69 -20.31
CA VAL B 31 -11.98 -1.82 -21.22
C VAL B 31 -10.50 -2.05 -21.59
N GLY B 32 -9.70 -0.98 -21.64
CA GLY B 32 -8.29 -1.13 -21.97
C GLY B 32 -7.59 -1.88 -20.86
N LYS B 33 -7.98 -1.58 -19.61
CA LYS B 33 -7.42 -2.31 -18.46
C LYS B 33 -7.88 -3.77 -18.50
N VAL B 34 -9.15 -3.99 -18.82
CA VAL B 34 -9.70 -5.35 -18.85
C VAL B 34 -8.91 -6.21 -19.86
N ARG B 35 -8.65 -5.65 -21.04
CA ARG B 35 -7.89 -6.36 -22.08
C ARG B 35 -6.49 -6.76 -21.64
N GLU B 36 -5.90 -5.94 -20.77
CA GLU B 36 -4.55 -6.16 -20.32
C GLU B 36 -4.47 -7.04 -19.08
N LEU B 37 -5.60 -7.33 -18.47
CA LEU B 37 -5.61 -8.07 -17.21
C LEU B 37 -6.32 -9.40 -17.30
N ALA B 38 -7.52 -9.39 -17.89
CA ALA B 38 -8.45 -10.52 -17.71
C ALA B 38 -7.90 -11.88 -18.15
N SER B 39 -7.26 -11.93 -19.32
N SER B 39 -7.26 -11.93 -19.33
CA SER B 39 -6.77 -13.21 -19.85
CA SER B 39 -6.75 -13.19 -19.88
C SER B 39 -5.53 -13.73 -19.11
C SER B 39 -5.56 -13.73 -19.08
N LEU B 40 -4.66 -12.84 -18.67
CA LEU B 40 -3.48 -13.23 -17.87
C LEU B 40 -3.86 -13.76 -16.48
N LEU B 41 -4.86 -13.11 -15.86
CA LEU B 41 -5.46 -13.61 -14.64
C LEU B 41 -6.14 -14.98 -14.82
N SER B 42 -6.86 -15.15 -15.93
CA SER B 42 -7.49 -16.44 -16.29
C SER B 42 -6.45 -17.55 -16.50
N ASP B 43 -5.43 -17.26 -17.30
CA ASP B 43 -4.29 -18.16 -17.51
C ASP B 43 -3.76 -18.68 -16.18
N PHE B 44 -3.59 -17.76 -15.23
CA PHE B 44 -3.15 -18.06 -13.87
C PHE B 44 -4.07 -19.07 -13.18
N GLY B 45 -5.37 -19.04 -13.53
CA GLY B 45 -6.32 -20.02 -13.02
C GLY B 45 -7.56 -19.43 -12.38
N LEU B 46 -7.69 -18.10 -12.40
CA LEU B 46 -8.85 -17.44 -11.79
C LEU B 46 -10.04 -17.35 -12.74
N ASP B 47 -11.25 -17.43 -12.18
CA ASP B 47 -12.46 -17.19 -12.94
C ASP B 47 -12.82 -15.71 -12.80
N ILE B 48 -12.51 -14.94 -13.84
CA ILE B 48 -12.64 -13.48 -13.79
C ILE B 48 -13.97 -12.98 -14.35
N VAL B 49 -14.67 -12.17 -13.56
CA VAL B 49 -15.91 -11.51 -13.97
C VAL B 49 -15.76 -10.00 -13.90
N ALA B 50 -16.06 -9.30 -15.00
CA ALA B 50 -16.03 -7.84 -15.06
C ALA B 50 -17.14 -7.29 -14.15
N GLN B 51 -16.83 -6.28 -13.34
CA GLN B 51 -17.80 -5.81 -12.33
C GLN B 51 -19.13 -5.37 -12.96
N THR B 52 -19.08 -4.83 -14.18
CA THR B 52 -20.34 -4.41 -14.86
C THR B 52 -21.32 -5.57 -15.06
N ASP B 53 -20.82 -6.73 -15.49
CA ASP B 53 -21.64 -7.95 -15.58
C ASP B 53 -22.41 -8.20 -14.29
N LEU B 54 -21.83 -7.79 -13.15
CA LEU B 54 -22.51 -8.03 -11.86
C LEU B 54 -23.31 -6.83 -11.31
N GLY B 55 -23.49 -5.80 -12.15
CA GLY B 55 -24.28 -4.63 -11.77
C GLY B 55 -23.56 -3.66 -10.85
N VAL B 56 -22.24 -3.78 -10.73
CA VAL B 56 -21.45 -2.89 -9.87
C VAL B 56 -21.22 -1.59 -10.62
N ASP B 57 -21.66 -0.50 -10.02
CA ASP B 57 -21.42 0.83 -10.58
C ASP B 57 -20.04 1.37 -10.16
N SER B 58 -19.65 2.52 -10.73
CA SER B 58 -18.36 3.10 -10.41
C SER B 58 -18.27 3.50 -8.94
N ALA B 59 -17.18 3.14 -8.29
CA ALA B 59 -16.91 3.63 -6.94
C ALA B 59 -16.60 5.13 -6.98
N GLU B 60 -16.86 5.80 -5.85
CA GLU B 60 -16.41 7.18 -5.65
C GLU B 60 -14.89 7.11 -5.43
N GLU B 61 -14.14 7.74 -6.32
CA GLU B 61 -12.69 7.81 -6.15
C GLU B 61 -12.27 9.06 -5.37
N THR B 62 -12.30 8.93 -4.06
CA THR B 62 -12.12 10.05 -3.17
C THR B 62 -10.71 10.07 -2.57
N GLY B 63 -9.85 9.16 -3.06
CA GLY B 63 -8.53 8.95 -2.43
C GLY B 63 -7.52 9.91 -2.98
N LEU B 64 -6.46 10.15 -2.21
CA LEU B 64 -5.40 11.08 -2.65
C LEU B 64 -4.17 10.35 -3.18
N THR B 65 -4.25 9.02 -3.26
CA THR B 65 -3.11 8.23 -3.74
C THR B 65 -3.63 7.12 -4.60
N PHE B 66 -2.78 6.60 -5.46
CA PHE B 66 -3.17 5.43 -6.22
C PHE B 66 -3.57 4.24 -5.31
N ILE B 67 -2.82 4.05 -4.23
CA ILE B 67 -3.08 2.91 -3.36
C ILE B 67 -4.47 3.02 -2.78
N GLU B 68 -4.81 4.20 -2.24
CA GLU B 68 -6.13 4.34 -1.61
C GLU B 68 -7.25 4.17 -2.60
N ASN B 69 -7.13 4.75 -3.79
CA ASN B 69 -8.16 4.54 -4.81
C ASN B 69 -8.31 3.11 -5.30
N ALA B 70 -7.21 2.40 -5.50
CA ALA B 70 -7.28 0.97 -5.84
C ALA B 70 -8.00 0.16 -4.76
N ILE B 71 -7.68 0.42 -3.48
CA ILE B 71 -8.40 -0.28 -2.40
C ILE B 71 -9.90 0.07 -2.42
N LEU B 72 -10.23 1.35 -2.56
CA LEU B 72 -11.65 1.74 -2.61
C LEU B 72 -12.42 1.09 -3.71
N LYS B 73 -11.85 0.98 -4.91
CA LYS B 73 -12.55 0.35 -6.01
C LYS B 73 -12.73 -1.15 -5.79
N ALA B 74 -11.68 -1.82 -5.31
CA ALA B 74 -11.78 -3.25 -5.00
C ALA B 74 -12.78 -3.49 -3.88
N ARG B 75 -12.74 -2.64 -2.86
CA ARG B 75 -13.68 -2.78 -1.74
C ARG B 75 -15.14 -2.60 -2.17
N HIS B 76 -15.39 -1.58 -2.98
CA HIS B 76 -16.74 -1.32 -3.51
C HIS B 76 -17.27 -2.57 -4.23
N ALA B 77 -16.45 -3.21 -5.06
CA ALA B 77 -16.90 -4.39 -5.82
C ALA B 77 -17.08 -5.61 -4.91
N ALA B 78 -16.19 -5.78 -3.96
CA ALA B 78 -16.29 -6.87 -3.00
C ALA B 78 -17.53 -6.73 -2.13
N LYS B 79 -17.87 -5.49 -1.76
CA LYS B 79 -19.10 -5.24 -0.99
C LYS B 79 -20.36 -5.70 -1.74
N VAL B 80 -20.47 -5.24 -2.99
CA VAL B 80 -21.64 -5.49 -3.84
C VAL B 80 -21.80 -6.97 -4.15
N THR B 81 -20.69 -7.64 -4.47
CA THR B 81 -20.75 -8.99 -5.04
C THR B 81 -20.46 -10.12 -4.07
N ALA B 82 -19.83 -9.83 -2.93
CA ALA B 82 -19.38 -10.86 -2.00
C ALA B 82 -18.30 -11.80 -2.57
N LEU B 83 -17.62 -11.34 -3.64
CA LEU B 83 -16.47 -12.03 -4.22
C LEU B 83 -15.19 -11.27 -3.88
N PRO B 84 -14.05 -11.99 -3.85
CA PRO B 84 -12.76 -11.33 -3.85
C PRO B 84 -12.67 -10.41 -5.08
N ALA B 85 -11.90 -9.34 -4.97
CA ALA B 85 -11.85 -8.33 -6.02
C ALA B 85 -10.42 -7.91 -6.34
N ILE B 86 -10.16 -7.65 -7.62
CA ILE B 86 -8.94 -7.01 -8.05
C ILE B 86 -9.26 -5.65 -8.69
N ALA B 87 -8.56 -4.59 -8.26
CA ALA B 87 -8.69 -3.26 -8.88
C ALA B 87 -7.33 -2.73 -9.30
N ASP B 88 -7.37 -1.74 -10.19
CA ASP B 88 -6.20 -1.06 -10.72
C ASP B 88 -6.45 0.45 -10.57
N ALA B 89 -5.55 1.15 -9.88
CA ALA B 89 -5.47 2.60 -9.93
C ALA B 89 -4.18 2.92 -10.64
N SER B 90 -4.25 3.72 -11.69
CA SER B 90 -3.02 4.05 -12.43
C SER B 90 -3.12 5.44 -13.06
N GLY B 91 -2.00 5.92 -13.57
CA GLY B 91 -1.98 7.23 -14.18
C GLY B 91 -0.59 7.57 -14.68
N LEU B 92 -0.48 8.72 -15.29
CA LEU B 92 0.76 9.20 -15.92
C LEU B 92 1.29 10.39 -15.12
N ALA B 93 2.55 10.29 -14.70
CA ALA B 93 3.22 11.42 -14.03
C ALA B 93 4.30 12.00 -14.94
N VAL B 94 4.18 13.29 -15.28
CA VAL B 94 5.12 13.98 -16.13
C VAL B 94 6.02 14.90 -15.30
N ASP B 95 7.34 14.73 -15.42
CA ASP B 95 8.26 15.45 -14.51
C ASP B 95 8.16 16.97 -14.58
N VAL B 96 8.06 17.52 -15.79
CA VAL B 96 8.04 18.97 -15.97
C VAL B 96 6.77 19.59 -15.35
N LEU B 97 5.74 18.77 -15.20
CA LEU B 97 4.43 19.14 -14.66
C LEU B 97 4.32 18.79 -13.18
N GLY B 98 5.45 18.47 -12.57
CA GLY B 98 5.50 18.13 -11.15
C GLY B 98 4.76 16.87 -10.81
N GLY B 99 4.63 15.97 -11.79
CA GLY B 99 3.96 14.69 -11.54
C GLY B 99 2.52 14.65 -12.04
N ALA B 100 2.03 15.77 -12.56
CA ALA B 100 0.68 15.80 -13.14
C ALA B 100 0.69 15.05 -14.48
N PRO B 101 -0.47 14.56 -14.93
CA PRO B 101 -1.77 14.63 -14.25
C PRO B 101 -1.94 13.62 -13.09
N GLY B 102 -1.09 12.59 -13.02
CA GLY B 102 -1.02 11.76 -11.80
C GLY B 102 -2.31 11.04 -11.49
N ILE B 103 -2.82 11.20 -10.26
CA ILE B 103 -4.04 10.53 -9.88
C ILE B 103 -5.24 11.19 -10.58
N TYR B 104 -5.02 12.34 -11.21
CA TYR B 104 -6.11 12.99 -11.98
C TYR B 104 -5.97 12.76 -13.48
N SER B 105 -5.34 11.65 -13.83
CA SER B 105 -5.04 11.36 -15.24
C SER B 105 -6.34 11.13 -16.02
N ALA B 106 -7.29 10.42 -15.43
CA ALA B 106 -8.52 10.10 -16.18
C ALA B 106 -9.38 11.32 -16.51
N ARG B 107 -9.34 12.33 -15.65
CA ARG B 107 -10.15 13.54 -15.84
C ARG B 107 -9.30 14.76 -16.15
N TYR B 108 -8.10 14.53 -16.70
CA TYR B 108 -7.21 15.63 -17.02
C TYR B 108 -7.84 16.77 -17.85
N SER B 109 -8.62 16.44 -18.87
CA SER B 109 -9.30 17.49 -19.65
C SER B 109 -10.74 17.81 -19.21
N GLY B 110 -11.13 17.35 -18.02
CA GLY B 110 -12.47 17.68 -17.47
C GLY B 110 -13.36 16.45 -17.39
N GLU B 111 -14.67 16.60 -17.17
CA GLU B 111 -15.48 15.39 -17.31
C GLU B 111 -16.24 15.27 -18.63
N ASP B 112 -15.77 16.05 -19.60
CA ASP B 112 -15.93 15.72 -21.01
C ASP B 112 -14.89 14.65 -21.42
N ALA B 113 -13.98 14.31 -20.49
CA ALA B 113 -12.70 13.71 -20.87
C ALA B 113 -12.83 12.38 -21.61
N THR B 114 -12.03 12.22 -22.66
CA THR B 114 -11.89 10.98 -23.40
C THR B 114 -10.38 10.79 -23.49
N ASP B 115 -9.93 9.59 -23.85
CA ASP B 115 -8.48 9.33 -23.97
C ASP B 115 -7.82 10.31 -24.95
N GLN B 116 -8.51 10.61 -26.06
CA GLN B 116 -7.96 11.50 -27.10
C GLN B 116 -7.90 12.94 -26.57
N LYS B 117 -8.98 13.40 -25.93
CA LYS B 117 -9.03 14.76 -25.40
C LYS B 117 -7.95 14.97 -24.30
N ASN B 118 -7.75 13.95 -23.49
CA ASN B 118 -6.70 13.96 -22.46
C ASN B 118 -5.29 14.02 -23.06
N LEU B 119 -5.01 13.17 -24.02
CA LEU B 119 -3.64 13.20 -24.57
C LEU B 119 -3.40 14.46 -25.40
N GLN B 120 -4.43 14.96 -26.06
CA GLN B 120 -4.27 16.20 -26.82
C GLN B 120 -4.07 17.39 -25.89
N LYS B 121 -4.76 17.40 -24.75
CA LYS B 121 -4.52 18.48 -23.78
C LYS B 121 -3.07 18.41 -23.31
N LEU B 122 -2.58 17.21 -23.12
CA LEU B 122 -1.22 17.07 -22.66
C LEU B 122 0.02 17.45 -23.51
N LEU B 123 0.24 16.95 -24.74
CA LEU B 123 0.39 17.71 -26.01
C LEU B 123 0.35 19.24 -26.01
N GLU B 124 -0.81 19.83 -25.85
CA GLU B 124 -0.91 21.29 -25.92
C GLU B 124 -0.15 21.92 -24.72
N THR B 125 -0.29 21.31 -23.54
CA THR B 125 0.34 21.75 -22.30
C THR B 125 1.89 21.75 -22.44
N MSE B 126 2.41 20.77 -23.16
CA MSE B 126 3.84 20.52 -23.20
C MSE B 126 4.52 21.04 -24.48
O MSE B 126 5.71 20.81 -24.71
CB MSE B 126 4.10 19.03 -23.00
CG MSE B 126 3.94 18.59 -21.52
SE MSE B 126 4.12 16.66 -21.53
CE MSE B 126 6.12 16.66 -21.50
N LYS B 127 3.77 21.78 -25.30
CA LYS B 127 4.24 22.23 -26.60
C LYS B 127 5.53 23.05 -26.56
N ASP B 128 5.82 23.72 -25.46
CA ASP B 128 7.03 24.55 -25.35
C ASP B 128 8.10 23.91 -24.45
N VAL B 129 7.86 22.67 -24.03
CA VAL B 129 8.81 21.93 -23.19
C VAL B 129 9.91 21.35 -24.10
N PRO B 130 11.19 21.63 -23.80
CA PRO B 130 12.29 21.14 -24.66
C PRO B 130 12.30 19.62 -24.77
N ASP B 131 12.71 19.11 -25.93
CA ASP B 131 12.73 17.68 -26.23
C ASP B 131 13.41 16.84 -25.15
N ASP B 132 14.34 17.43 -24.43
CA ASP B 132 15.12 16.71 -23.45
C ASP B 132 14.54 16.78 -22.04
N GLN B 133 13.41 17.47 -21.89
CA GLN B 133 12.76 17.59 -20.58
C GLN B 133 11.36 16.95 -20.51
N ARG B 134 11.12 15.92 -21.33
CA ARG B 134 9.78 15.36 -21.47
C ARG B 134 9.65 13.99 -20.79
N GLN B 135 10.51 13.73 -19.81
CA GLN B 135 10.44 12.49 -19.01
C GLN B 135 9.10 12.31 -18.29
N ALA B 136 8.59 11.08 -18.29
CA ALA B 136 7.35 10.73 -17.61
C ALA B 136 7.37 9.29 -17.12
N ARG B 137 6.43 8.93 -16.27
CA ARG B 137 6.40 7.61 -15.72
C ARG B 137 4.96 7.22 -15.47
N PHE B 138 4.57 6.04 -15.96
CA PHE B 138 3.27 5.49 -15.62
C PHE B 138 3.38 4.79 -14.28
N HIS B 139 2.33 4.92 -13.46
CA HIS B 139 2.26 4.22 -12.16
C HIS B 139 1.04 3.34 -12.18
N CYS B 140 1.16 2.18 -11.53
CA CYS B 140 0.04 1.24 -11.38
C CYS B 140 0.07 0.68 -9.97
N VAL B 141 -1.07 0.69 -9.30
CA VAL B 141 -1.21 -0.09 -8.08
C VAL B 141 -2.33 -1.10 -8.34
N LEU B 142 -2.04 -2.38 -8.11
CA LEU B 142 -3.04 -3.44 -8.24
C LEU B 142 -3.33 -3.94 -6.83
N VAL B 143 -4.60 -4.17 -6.52
CA VAL B 143 -4.97 -4.63 -5.19
C VAL B 143 -5.81 -5.88 -5.34
N TYR B 144 -5.57 -6.85 -4.47
CA TYR B 144 -6.41 -8.02 -4.36
C TYR B 144 -6.96 -8.06 -2.94
N LEU B 145 -8.28 -8.03 -2.84
CA LEU B 145 -8.97 -8.09 -1.57
C LEU B 145 -9.72 -9.42 -1.45
N ARG B 146 -9.47 -10.15 -0.36
CA ARG B 146 -10.06 -11.46 -0.19
C ARG B 146 -11.56 -11.31 0.12
N HIS B 147 -11.87 -10.26 0.87
CA HIS B 147 -13.23 -9.82 1.17
C HIS B 147 -13.16 -8.31 1.35
N ALA B 148 -14.32 -7.65 1.42
CA ALA B 148 -14.37 -6.19 1.46
C ALA B 148 -13.52 -5.64 2.60
N GLU B 149 -13.52 -6.31 3.74
CA GLU B 149 -12.82 -5.81 4.93
C GLU B 149 -11.53 -6.52 5.26
N ASP B 150 -10.95 -7.19 4.26
CA ASP B 150 -9.65 -7.83 4.38
C ASP B 150 -8.67 -6.77 4.94
N PRO B 151 -8.14 -6.99 6.17
CA PRO B 151 -7.27 -5.96 6.76
C PRO B 151 -5.87 -5.93 6.15
N THR B 152 -5.55 -6.95 5.34
CA THR B 152 -4.21 -7.08 4.77
C THR B 152 -4.31 -7.38 3.27
N PRO B 153 -4.89 -6.45 2.49
CA PRO B 153 -5.00 -6.73 1.08
C PRO B 153 -3.63 -6.86 0.45
N LEU B 154 -3.55 -7.65 -0.62
CA LEU B 154 -2.34 -7.72 -1.41
C LEU B 154 -2.30 -6.44 -2.21
N VAL B 155 -1.22 -5.66 -2.08
CA VAL B 155 -1.11 -4.38 -2.77
C VAL B 155 0.24 -4.39 -3.50
N CYS B 156 0.21 -4.33 -4.83
CA CYS B 156 1.42 -4.48 -5.62
C CYS B 156 1.54 -3.31 -6.57
N HIS B 157 2.73 -2.82 -6.78
CA HIS B 157 2.80 -1.65 -7.63
C HIS B 157 3.86 -1.82 -8.68
N GLY B 158 3.72 -1.04 -9.75
CA GLY B 158 4.72 -1.05 -10.79
C GLY B 158 4.78 0.34 -11.35
N SER B 159 5.93 0.67 -11.92
CA SER B 159 6.05 1.94 -12.62
C SER B 159 6.94 1.75 -13.86
N TRP B 160 6.83 2.66 -14.81
CA TRP B 160 7.37 2.42 -16.16
C TRP B 160 7.77 3.77 -16.72
N PRO B 161 9.07 4.04 -16.82
CA PRO B 161 9.52 5.33 -17.31
C PRO B 161 9.56 5.40 -18.85
N GLY B 162 9.27 6.58 -19.35
CA GLY B 162 9.24 6.79 -20.81
C GLY B 162 9.45 8.27 -21.04
N VAL B 163 9.06 8.72 -22.24
CA VAL B 163 9.26 10.08 -22.68
C VAL B 163 8.02 10.48 -23.43
N ILE B 164 7.52 11.69 -23.18
CA ILE B 164 6.32 12.15 -23.92
C ILE B 164 6.72 12.66 -25.31
N THR B 165 6.11 12.10 -26.34
CA THR B 165 6.39 12.47 -27.73
C THR B 165 5.73 13.81 -28.02
N ARG B 166 5.97 14.36 -29.21
CA ARG B 166 5.32 15.59 -29.60
C ARG B 166 4.09 15.32 -30.47
N GLU B 167 4.03 14.11 -31.02
CA GLU B 167 2.90 13.69 -31.84
C GLU B 167 2.54 12.24 -31.52
N PRO B 168 1.24 11.87 -31.63
CA PRO B 168 0.89 10.48 -31.34
C PRO B 168 1.42 9.51 -32.41
N ALA B 169 1.69 8.27 -32.01
CA ALA B 169 2.14 7.25 -32.94
C ALA B 169 1.62 5.92 -32.39
N GLY B 170 1.10 5.08 -33.26
CA GLY B 170 0.62 3.77 -32.85
C GLY B 170 -0.88 3.81 -32.57
N THR B 171 -1.52 2.66 -32.71
CA THR B 171 -2.96 2.56 -32.51
C THR B 171 -3.36 1.56 -31.41
N GLY B 172 -2.39 0.88 -30.78
CA GLY B 172 -2.71 -0.10 -29.74
C GLY B 172 -2.89 0.53 -28.36
N GLY B 173 -3.21 -0.29 -27.37
CA GLY B 173 -3.35 0.16 -25.98
C GLY B 173 -4.48 1.17 -25.82
N PHE B 174 -4.29 2.12 -24.92
CA PHE B 174 -5.39 3.02 -24.58
C PHE B 174 -4.82 4.24 -23.88
N GLY B 175 -5.66 5.17 -23.49
CA GLY B 175 -5.16 6.29 -22.66
C GLY B 175 -4.04 7.03 -23.38
N TYR B 176 -2.98 7.33 -22.65
CA TYR B 176 -1.92 8.17 -23.18
C TYR B 176 -0.88 7.36 -23.95
N ASP B 177 -1.17 6.10 -24.24
CA ASP B 177 -0.19 5.23 -24.94
C ASP B 177 0.39 5.81 -26.23
N PRO B 178 -0.43 6.45 -27.09
CA PRO B 178 0.22 6.99 -28.32
C PRO B 178 1.28 8.08 -28.17
N ILE B 179 1.34 8.68 -26.98
CA ILE B 179 2.36 9.74 -26.76
C ILE B 179 3.43 9.37 -25.72
N PHE B 180 3.51 8.09 -25.41
CA PHE B 180 4.47 7.60 -24.40
C PHE B 180 5.53 6.75 -25.07
N PHE B 181 6.68 7.35 -25.31
CA PHE B 181 7.80 6.64 -25.96
C PHE B 181 8.49 5.78 -24.92
N VAL B 182 8.71 4.52 -25.28
CA VAL B 182 9.29 3.52 -24.41
C VAL B 182 10.72 3.25 -24.89
N PRO B 183 11.69 3.82 -24.18
CA PRO B 183 13.10 3.70 -24.66
C PRO B 183 13.57 2.27 -24.95
N SER B 184 13.27 1.33 -24.05
CA SER B 184 13.77 -0.05 -24.20
C SER B 184 13.25 -0.74 -25.47
N GLU B 185 12.17 -0.20 -26.01
CA GLU B 185 11.50 -0.74 -27.20
C GLU B 185 11.70 0.12 -28.44
N GLY B 186 12.14 1.38 -28.25
CA GLY B 186 12.36 2.28 -29.39
C GLY B 186 11.07 2.59 -30.14
N LYS B 187 9.96 2.62 -29.41
CA LYS B 187 8.66 2.97 -29.99
C LYS B 187 7.71 3.34 -28.86
N THR B 188 6.53 3.85 -29.20
CA THR B 188 5.58 4.22 -28.18
C THR B 188 4.82 3.00 -27.64
N ALA B 189 4.14 3.21 -26.51
CA ALA B 189 3.37 2.11 -25.92
C ALA B 189 2.26 1.68 -26.87
N ALA B 190 1.73 2.62 -27.67
CA ALA B 190 0.63 2.24 -28.59
C ALA B 190 1.14 1.49 -29.81
N GLU B 191 2.47 1.57 -30.04
CA GLU B 191 3.10 0.83 -31.13
C GLU B 191 3.49 -0.60 -30.77
N LEU B 192 3.38 -0.94 -29.49
CA LEU B 192 3.70 -2.29 -29.04
C LEU B 192 2.52 -3.19 -29.32
N THR B 193 2.79 -4.49 -29.44
CA THR B 193 1.72 -5.49 -29.42
C THR B 193 1.19 -5.57 -27.99
N ARG B 194 0.01 -6.14 -27.80
CA ARG B 194 -0.50 -6.27 -26.42
C ARG B 194 0.46 -7.14 -25.58
N GLU B 195 1.04 -8.18 -26.19
CA GLU B 195 1.92 -9.08 -25.43
C GLU B 195 3.19 -8.36 -24.96
N GLU B 196 3.79 -7.58 -25.84
CA GLU B 196 4.97 -6.77 -25.56
C GLU B 196 4.70 -5.80 -24.42
N LYS B 197 3.58 -5.08 -24.52
CA LYS B 197 3.22 -4.10 -23.51
C LYS B 197 2.92 -4.78 -22.19
N SER B 198 2.18 -5.89 -22.22
CA SER B 198 1.97 -6.68 -21.01
C SER B 198 3.28 -7.17 -20.36
N ALA B 199 4.33 -7.42 -21.14
CA ALA B 199 5.56 -7.97 -20.60
C ALA B 199 6.40 -6.93 -19.79
N ILE B 200 6.11 -5.64 -19.96
CA ILE B 200 7.01 -4.62 -19.45
C ILE B 200 6.35 -3.43 -18.78
N SER B 201 5.05 -3.25 -18.98
CA SER B 201 4.38 -2.03 -18.53
C SER B 201 4.34 -1.93 -16.99
N HIS B 202 3.97 -0.76 -16.49
CA HIS B 202 3.68 -0.54 -15.07
C HIS B 202 2.68 -1.60 -14.58
N ARG B 203 1.68 -1.85 -15.39
CA ARG B 203 0.62 -2.82 -15.10
C ARG B 203 1.15 -4.27 -15.13
N GLY B 204 1.93 -4.63 -16.14
CA GLY B 204 2.48 -5.99 -16.23
C GLY B 204 3.46 -6.29 -15.08
N GLN B 205 4.21 -5.28 -14.67
CA GLN B 205 5.15 -5.44 -13.55
C GLN B 205 4.37 -5.66 -12.27
N ALA B 206 3.35 -4.84 -12.05
CA ALA B 206 2.50 -5.00 -10.83
C ALA B 206 1.80 -6.37 -10.82
N LEU B 207 1.33 -6.78 -11.99
CA LEU B 207 0.62 -8.04 -12.13
C LEU B 207 1.53 -9.23 -11.82
N LYS B 208 2.77 -9.16 -12.28
CA LYS B 208 3.71 -10.23 -12.01
C LYS B 208 3.91 -10.36 -10.50
N LEU B 209 3.97 -9.22 -9.81
CA LEU B 209 4.15 -9.22 -8.36
C LEU B 209 2.90 -9.74 -7.67
N LEU B 210 1.73 -9.42 -8.21
CA LEU B 210 0.47 -9.87 -7.64
C LEU B 210 0.33 -11.38 -7.78
N LEU B 211 0.61 -11.90 -8.97
CA LEU B 211 0.54 -13.35 -9.20
C LEU B 211 1.54 -14.13 -8.32
N ASP B 212 2.76 -13.62 -8.19
CA ASP B 212 3.79 -14.17 -7.27
C ASP B 212 3.23 -14.29 -5.86
N ALA B 213 2.63 -13.20 -5.39
CA ALA B 213 2.05 -13.11 -4.04
C ALA B 213 0.87 -14.07 -3.86
N LEU B 214 0.04 -14.21 -4.90
CA LEU B 214 -1.09 -15.15 -4.87
C LEU B 214 -0.65 -16.62 -4.79
N ARG B 215 0.41 -16.97 -5.51
CA ARG B 215 0.98 -18.31 -5.42
C ARG B 215 2.14 -18.39 -4.41
CA CA C . -3.54 3.82 17.00
NA NA D . 1.05 -0.58 22.54
NA NA E . -5.07 -0.80 16.65
NA NA F . 11.15 -4.60 16.07
S SO4 G . 22.61 7.99 -6.20
O1 SO4 G . 23.25 8.45 -4.99
O2 SO4 G . 21.97 9.17 -6.82
O3 SO4 G . 23.64 7.43 -7.05
O4 SO4 G . 21.54 7.02 -5.98
PG ITT H . -0.04 4.96 16.94
O1G ITT H . 1.15 4.55 16.10
O2G ITT H . -1.34 4.69 16.21
O3G ITT H . 0.14 6.34 17.48
PB ITT H . -0.90 2.75 18.62
O1B ITT H . -0.15 2.00 19.68
O2B ITT H . -2.35 3.09 18.83
O3B ITT H . -0.02 4.05 18.26
PA ITT H . -1.74 1.03 16.38
O1A ITT H . -3.17 1.52 16.22
O2A ITT H . -0.87 0.76 15.19
O3A ITT H . -0.77 1.95 17.27
O5' ITT H . -1.82 -0.19 17.37
C5' ITT H . -1.20 -1.46 17.28
C4' ITT H . -1.01 -2.31 18.29
O4' ITT H . -0.45 -3.57 17.92
C3' ITT H . -1.02 -2.11 19.76
O3' ITT H . -1.88 -3.02 20.46
C2' ITT H . 0.40 -2.67 19.89
O2' ITT H . 0.81 -2.98 21.25
C1' ITT H . 0.38 -3.94 19.00
N9 ITT H . 1.73 -4.08 18.44
C8 ITT H . 2.20 -3.45 17.35
N7 ITT H . 3.49 -3.82 17.18
C5 ITT H . 3.80 -4.68 18.20
C6 ITT H . 4.93 -5.39 18.61
O6 ITT H . 6.11 -5.32 17.96
N1 ITT H . 4.87 -6.18 19.69
C2 ITT H . 3.75 -6.31 20.42
N3 ITT H . 2.66 -5.65 20.10
C4 ITT H . 2.67 -4.83 18.99
CA CA I . -11.37 6.04 -12.28
NA NA J . -8.60 5.47 -20.19
NA NA K . -7.13 9.09 -20.44
PG ITT L . -11.29 2.43 -13.31
O1G ITT L . -10.35 1.26 -13.22
O2G ITT L . -11.22 3.46 -12.24
O3G ITT L . -12.68 1.93 -13.63
PB ITT L . -10.30 4.60 -15.04
O1B ITT L . -9.83 4.52 -16.45
O2B ITT L . -11.17 5.70 -14.59
O3B ITT L . -10.98 3.17 -14.73
PA ITT L . -8.17 5.38 -13.23
O1A ITT L . -8.89 6.36 -12.39
O2A ITT L . -7.19 4.42 -12.65
O3A ITT L . -9.02 4.40 -14.13
O5' ITT L . -7.54 6.25 -14.42
C5' ITT L . -6.21 6.21 -14.93
C4' ITT L . -5.80 6.71 -16.10
O4' ITT L . -4.41 6.62 -16.37
C3' ITT L . -6.58 7.06 -17.32
O3' ITT L . -6.31 8.36 -17.85
C2' ITT L . -5.77 6.10 -18.19
O2' ITT L . -5.92 6.34 -19.60
C1' ITT L . -4.29 6.33 -17.74
N9 ITT L . -3.64 5.04 -17.89
C8 ITT L . -3.59 4.07 -16.96
N7 ITT L . -2.89 3.04 -17.49
C5 ITT L . -2.54 3.39 -18.75
C6 ITT L . -1.82 2.77 -19.77
O6 ITT L . -1.35 1.53 -19.61
N1 ITT L . -1.60 3.41 -20.94
C2 ITT L . -2.06 4.65 -21.12
N3 ITT L . -2.76 5.29 -20.16
C4 ITT L . -2.98 4.67 -18.98
#